data_1PWO
#
_entry.id   1PWO
#
_cell.length_a   129.186
_cell.length_b   100.643
_cell.length_c   88.307
_cell.angle_alpha   90.00
_cell.angle_beta   133.17
_cell.angle_gamma   90.00
#
_symmetry.space_group_name_H-M   'C 1 2 1'
#
loop_
_entity.id
_entity.type
_entity.pdbx_description
1 polymer 'Phospholipase A2'
2 water water
#
_entity_poly.entity_id   1
_entity_poly.type   'polypeptide(L)'
_entity_poly.pdbx_seq_one_letter_code
;NLYQFRKMIKCTIPGREPLLAFTDYGCYCGKGGSGTPVDELDRCCQTHDNCYDKAEKLPECKGILSGPYVNTYSYDCTDG
KLTCNDQKDKCKLFICNCDRTAAMCFAKAPYIEANNHIDPNRCK
;
_entity_poly.pdbx_strand_id   A,B,C,D
#
# COMPACT_ATOMS: atom_id res chain seq x y z
N ASN A 1 11.67 1.12 29.56
CA ASN A 1 13.01 0.94 28.92
C ASN A 1 12.88 0.15 27.62
N LEU A 2 13.96 0.10 26.87
CA LEU A 2 14.02 -0.58 25.60
C LEU A 2 13.58 -2.05 25.64
N TYR A 3 13.78 -2.73 26.77
CA TYR A 3 13.36 -4.11 26.88
C TYR A 3 11.84 -4.20 26.82
N GLN A 4 11.18 -3.22 27.42
CA GLN A 4 9.72 -3.17 27.45
C GLN A 4 9.16 -2.75 26.10
N PHE A 5 9.87 -1.88 25.41
CA PHE A 5 9.43 -1.42 24.11
C PHE A 5 9.46 -2.64 23.17
N ARG A 6 10.51 -3.46 23.31
CA ARG A 6 10.64 -4.66 22.51
C ARG A 6 9.39 -5.52 22.71
N LYS A 7 9.08 -5.78 23.98
CA LYS A 7 7.93 -6.58 24.36
C LYS A 7 6.61 -5.99 23.88
N MET A 8 6.50 -4.66 23.89
CA MET A 8 5.28 -4.02 23.44
C MET A 8 5.04 -4.36 21.96
N ILE A 9 6.10 -4.25 21.15
CA ILE A 9 6.03 -4.54 19.74
C ILE A 9 5.65 -6.02 19.61
N LYS A 10 6.19 -6.84 20.50
CA LYS A 10 5.90 -8.26 20.50
C LYS A 10 4.40 -8.47 20.79
N CYS A 11 3.83 -7.52 21.51
CA CYS A 11 2.43 -7.56 21.90
C CYS A 11 1.47 -7.26 20.75
N THR A 12 1.76 -6.23 19.98
CA THR A 12 0.90 -5.79 18.89
C THR A 12 1.13 -6.44 17.52
N ILE A 13 2.35 -6.95 17.30
CA ILE A 13 2.75 -7.61 16.06
C ILE A 13 3.70 -8.77 16.44
N PRO A 14 3.11 -9.86 16.96
CA PRO A 14 3.78 -11.08 17.42
C PRO A 14 4.46 -11.88 16.30
N GLY A 15 3.88 -11.82 15.10
CA GLY A 15 4.45 -12.56 13.99
C GLY A 15 5.79 -12.03 13.50
N ARG A 16 6.39 -11.10 14.23
CA ARG A 16 7.68 -10.50 13.85
C ARG A 16 8.71 -10.37 14.98
N GLU A 17 9.99 -10.40 14.60
CA GLU A 17 11.07 -10.24 15.56
C GLU A 17 11.47 -8.77 15.51
N PRO A 18 11.13 -8.02 16.57
CA PRO A 18 11.41 -6.59 16.71
C PRO A 18 12.76 -6.07 16.21
N LEU A 19 13.84 -6.69 16.67
CA LEU A 19 15.18 -6.26 16.30
C LEU A 19 15.39 -6.30 14.80
N LEU A 20 15.22 -7.49 14.24
CA LEU A 20 15.39 -7.72 12.82
C LEU A 20 14.41 -6.94 11.97
N ALA A 21 13.20 -6.74 12.47
CA ALA A 21 12.19 -6.06 11.71
C ALA A 21 12.17 -4.55 11.79
N PHE A 22 12.30 -4.00 12.98
CA PHE A 22 12.18 -2.57 13.13
C PHE A 22 13.41 -1.79 13.56
N THR A 23 14.60 -2.26 13.24
CA THR A 23 15.78 -1.52 13.65
C THR A 23 16.72 -1.12 12.53
N ASP A 24 16.47 -1.62 11.32
CA ASP A 24 17.31 -1.27 10.18
C ASP A 24 16.42 -1.00 8.98
N TYR A 25 15.28 -0.38 9.26
CA TYR A 25 14.27 -0.08 8.26
C TYR A 25 14.21 1.42 7.90
N GLY A 26 13.92 1.70 6.63
CA GLY A 26 13.81 3.07 6.15
C GLY A 26 14.97 4.00 6.42
N CYS A 27 14.65 5.27 6.67
CA CYS A 27 15.67 6.27 6.95
C CYS A 27 15.72 6.62 8.43
N TYR A 28 14.77 6.13 9.21
CA TYR A 28 14.74 6.46 10.63
C TYR A 28 14.65 5.28 11.59
N CYS A 29 14.05 4.19 11.14
CA CYS A 29 13.88 3.03 12.01
C CYS A 29 15.13 2.43 12.58
N GLY A 30 15.30 2.65 13.88
CA GLY A 30 16.44 2.13 14.58
C GLY A 30 17.65 3.00 14.36
N LYS A 31 18.35 2.79 13.25
CA LYS A 31 19.56 3.56 13.01
C LYS A 31 19.36 4.98 12.51
N GLY A 32 20.23 5.86 12.97
CA GLY A 32 20.23 7.28 12.62
C GLY A 32 18.92 7.94 12.27
N GLY A 33 19.00 9.16 11.75
CA GLY A 33 17.83 9.92 11.34
C GLY A 33 18.19 10.63 10.05
N SER A 34 17.35 11.57 9.61
CA SER A 34 17.58 12.37 8.37
C SER A 34 16.76 11.96 7.15
N GLY A 35 16.39 12.96 6.35
CA GLY A 35 15.64 12.70 5.14
C GLY A 35 14.15 12.65 5.35
N THR A 36 13.45 12.15 4.34
CA THR A 36 12.01 12.02 4.40
C THR A 36 11.71 10.54 4.51
N PRO A 37 10.90 10.14 5.49
CA PRO A 37 10.53 8.74 5.70
C PRO A 37 10.11 8.09 4.39
N VAL A 38 10.60 6.88 4.13
CA VAL A 38 10.23 6.18 2.90
C VAL A 38 8.75 5.77 2.91
N ASP A 39 8.18 5.58 4.09
CA ASP A 39 6.78 5.18 4.20
C ASP A 39 6.20 5.36 5.59
N GLU A 40 4.96 4.92 5.76
CA GLU A 40 4.26 5.01 7.03
C GLU A 40 5.06 4.39 8.19
N LEU A 41 5.68 3.23 7.95
CA LEU A 41 6.44 2.59 9.01
C LEU A 41 7.61 3.49 9.36
N ASP A 42 8.33 3.95 8.35
CA ASP A 42 9.47 4.82 8.61
C ASP A 42 8.97 6.01 9.44
N ARG A 43 7.82 6.55 9.04
CA ARG A 43 7.24 7.69 9.71
C ARG A 43 6.79 7.36 11.15
N CYS A 44 6.27 6.18 11.46
CA CYS A 44 6.06 5.98 12.91
C CYS A 44 7.40 6.11 13.61
N CYS A 45 8.49 5.52 13.08
CA CYS A 45 9.83 5.60 13.75
C CYS A 45 10.41 7.00 13.82
N GLN A 46 9.78 7.93 13.12
CA GLN A 46 10.28 9.28 13.18
C GLN A 46 9.60 9.95 14.36
N THR A 47 8.30 9.70 14.53
CA THR A 47 7.60 10.31 15.64
C THR A 47 8.03 9.63 16.93
N HIS A 48 8.52 8.41 16.81
CA HIS A 48 9.08 7.73 17.97
C HIS A 48 10.55 7.95 17.72
N ASP A 49 11.00 9.13 18.13
CA ASP A 49 12.37 9.55 17.94
C ASP A 49 12.27 10.99 18.43
N ASN A 50 11.19 11.63 18.01
CA ASN A 50 10.87 12.98 18.41
C ASN A 50 10.41 12.87 19.85
N CYS A 51 9.43 11.98 20.06
CA CYS A 51 8.87 11.74 21.37
C CYS A 51 9.96 11.50 22.43
N TYR A 52 10.97 10.71 22.07
CA TYR A 52 12.05 10.43 23.00
C TYR A 52 12.78 11.74 23.33
N ASP A 53 12.92 12.60 22.33
CA ASP A 53 13.56 13.89 22.53
C ASP A 53 12.71 14.70 23.51
N LYS A 54 11.39 14.71 23.30
CA LYS A 54 10.49 15.45 24.19
C LYS A 54 10.71 15.01 25.64
N ALA A 55 10.63 13.70 25.83
CA ALA A 55 10.79 13.12 27.16
C ALA A 55 12.06 13.57 27.87
N GLU A 56 13.15 13.71 27.12
CA GLU A 56 14.42 14.11 27.69
C GLU A 56 14.42 15.54 28.20
N LYS A 57 13.67 16.39 27.52
CA LYS A 57 13.56 17.79 27.89
C LYS A 57 12.44 17.96 28.90
N LEU A 58 11.52 17.01 28.91
CA LEU A 58 10.39 17.06 29.82
C LEU A 58 10.95 17.34 31.22
N PRO A 59 10.75 18.57 31.72
CA PRO A 59 11.27 18.93 33.06
C PRO A 59 10.94 17.82 34.05
N GLU A 60 9.77 17.23 33.83
CA GLU A 60 9.24 16.19 34.68
C GLU A 60 10.06 14.88 34.70
N CYS A 61 11.20 14.89 34.00
CA CYS A 61 12.11 13.74 33.97
C CYS A 61 13.46 14.22 34.51
N LYS A 62 13.95 13.60 35.58
CA LYS A 62 15.23 14.06 36.15
C LYS A 62 16.06 12.96 36.79
N GLY A 63 17.37 13.10 36.68
CA GLY A 63 18.28 12.15 37.29
C GLY A 63 18.64 10.91 36.50
N ILE A 64 19.54 10.12 37.08
CA ILE A 64 19.99 8.87 36.47
C ILE A 64 18.79 7.94 36.26
N LEU A 65 18.79 7.22 35.14
CA LEU A 65 17.74 6.26 34.80
C LEU A 65 16.36 6.88 34.53
N SER A 66 16.35 8.12 34.03
CA SER A 66 15.09 8.78 33.70
C SER A 66 14.94 8.74 32.19
N GLY A 67 16.07 8.51 31.50
CA GLY A 67 16.08 8.44 30.05
C GLY A 67 15.18 7.34 29.50
N PRO A 68 14.59 7.55 28.31
CA PRO A 68 13.69 6.60 27.66
C PRO A 68 14.24 5.19 27.46
N TYR A 69 15.51 5.05 27.09
CA TYR A 69 16.07 3.73 26.89
C TYR A 69 16.14 2.94 28.17
N VAL A 70 16.55 3.59 29.25
CA VAL A 70 16.73 2.91 30.53
C VAL A 70 15.64 3.11 31.57
N ASN A 71 14.77 4.09 31.39
CA ASN A 71 13.73 4.31 32.39
C ASN A 71 12.70 3.18 32.34
N THR A 72 12.48 2.53 33.47
CA THR A 72 11.51 1.45 33.52
C THR A 72 10.16 1.96 33.99
N TYR A 73 9.17 1.91 33.10
CA TYR A 73 7.82 2.34 33.43
C TYR A 73 6.95 1.15 33.73
N SER A 74 5.65 1.40 33.93
CA SER A 74 4.71 0.33 34.23
C SER A 74 3.63 0.23 33.14
N TYR A 75 3.53 -0.93 32.51
CA TYR A 75 2.53 -1.13 31.46
C TYR A 75 1.93 -2.52 31.51
N ASP A 76 0.97 -2.77 30.62
CA ASP A 76 0.29 -4.04 30.56
C ASP A 76 -0.05 -4.43 29.13
N CYS A 77 0.10 -5.71 28.83
CA CYS A 77 -0.24 -6.26 27.51
C CYS A 77 -1.31 -7.35 27.73
N THR A 78 -2.51 -7.11 27.22
CA THR A 78 -3.62 -8.04 27.36
C THR A 78 -4.37 -8.15 26.04
N ASP A 79 -4.54 -9.38 25.56
CA ASP A 79 -5.22 -9.62 24.30
C ASP A 79 -4.86 -8.62 23.21
N GLY A 80 -3.56 -8.41 22.99
CA GLY A 80 -3.10 -7.50 21.96
C GLY A 80 -3.25 -6.01 22.20
N LYS A 81 -3.69 -5.63 23.39
CA LYS A 81 -3.86 -4.21 23.74
C LYS A 81 -2.89 -3.73 24.81
N LEU A 82 -2.43 -2.50 24.63
CA LEU A 82 -1.48 -1.90 25.55
C LEU A 82 -2.09 -0.75 26.34
N THR A 83 -1.77 -0.71 27.64
CA THR A 83 -2.23 0.35 28.51
C THR A 83 -1.10 0.73 29.49
N CYS A 84 -0.78 2.02 29.53
CA CYS A 84 0.25 2.53 30.42
C CYS A 84 -0.32 2.80 31.81
N ASN A 85 0.27 2.16 32.82
CA ASN A 85 -0.18 2.27 34.21
C ASN A 85 0.39 3.40 35.09
N ASP A 86 1.42 4.10 34.62
CA ASP A 86 2.00 5.16 35.42
C ASP A 86 1.05 6.37 35.56
N GLN A 87 0.93 6.87 36.79
CA GLN A 87 0.08 8.02 37.14
C GLN A 87 0.96 9.09 37.81
N LYS A 88 1.52 8.73 38.95
CA LYS A 88 2.39 9.58 39.76
C LYS A 88 3.62 10.04 38.99
N ASP A 89 4.45 9.09 38.53
CA ASP A 89 5.63 9.49 37.77
C ASP A 89 5.23 9.76 36.32
N LYS A 90 5.04 11.04 36.00
CA LYS A 90 4.63 11.44 34.66
C LYS A 90 5.81 11.45 33.70
N CYS A 91 6.96 10.99 34.19
CA CYS A 91 8.12 10.91 33.32
C CYS A 91 8.04 9.52 32.68
N LYS A 92 7.86 8.52 33.54
CA LYS A 92 7.74 7.15 33.09
C LYS A 92 6.53 7.05 32.18
N LEU A 93 5.42 7.64 32.61
CA LEU A 93 4.18 7.62 31.83
C LEU A 93 4.35 8.20 30.45
N PHE A 94 5.20 9.20 30.29
CA PHE A 94 5.38 9.80 28.98
C PHE A 94 6.21 8.86 28.09
N ILE A 95 7.22 8.25 28.70
CA ILE A 95 8.10 7.32 28.02
C ILE A 95 7.31 6.08 27.58
N CYS A 96 6.37 5.66 28.42
CA CYS A 96 5.54 4.49 28.13
C CYS A 96 4.64 4.80 26.95
N ASN A 97 4.10 6.02 26.91
CA ASN A 97 3.21 6.43 25.83
C ASN A 97 3.86 6.47 24.49
N CYS A 98 5.10 6.97 24.44
CA CYS A 98 5.85 7.03 23.19
C CYS A 98 5.97 5.63 22.63
N ASP A 99 6.31 4.69 23.51
CA ASP A 99 6.46 3.29 23.16
C ASP A 99 5.13 2.72 22.72
N ARG A 100 4.10 2.93 23.54
CA ARG A 100 2.79 2.41 23.20
C ARG A 100 2.35 2.90 21.82
N THR A 101 2.46 4.21 21.60
CA THR A 101 2.07 4.79 20.33
C THR A 101 2.80 4.18 19.14
N ALA A 102 4.12 4.03 19.26
CA ALA A 102 4.93 3.45 18.18
C ALA A 102 4.61 1.97 17.97
N ALA A 103 4.76 1.16 19.01
CA ALA A 103 4.48 -0.26 18.91
C ALA A 103 3.07 -0.46 18.38
N MET A 104 2.16 0.36 18.82
CA MET A 104 0.77 0.25 18.39
C MET A 104 0.54 0.65 16.91
N CYS A 105 1.43 1.52 16.38
CA CYS A 105 1.51 2.11 15.02
C CYS A 105 2.35 1.18 14.13
N PHE A 106 3.21 0.40 14.76
CA PHE A 106 4.05 -0.50 13.96
C PHE A 106 3.15 -1.54 13.35
N ALA A 107 2.16 -1.97 14.13
CA ALA A 107 1.20 -2.97 13.72
C ALA A 107 0.29 -2.52 12.58
N LYS A 108 -0.52 -1.50 12.82
CA LYS A 108 -1.44 -1.00 11.80
C LYS A 108 -0.70 -0.30 10.66
N ALA A 109 0.53 -0.72 10.41
CA ALA A 109 1.32 -0.11 9.33
C ALA A 109 1.88 -1.15 8.37
N PRO A 110 1.72 -0.91 7.06
CA PRO A 110 2.19 -1.80 5.99
C PRO A 110 3.70 -1.96 6.03
N TYR A 111 4.15 -3.21 6.14
CA TYR A 111 5.58 -3.51 6.16
C TYR A 111 6.11 -3.86 4.76
N ILE A 112 7.12 -3.12 4.30
CA ILE A 112 7.73 -3.36 3.00
C ILE A 112 9.13 -3.92 3.24
N GLU A 113 9.28 -5.22 3.08
CA GLU A 113 10.56 -5.88 3.30
C GLU A 113 11.71 -5.18 2.58
N ALA A 114 11.49 -4.83 1.33
CA ALA A 114 12.49 -4.16 0.53
C ALA A 114 12.98 -2.84 1.13
N ASN A 115 12.25 -2.29 2.10
CA ASN A 115 12.66 -1.02 2.72
C ASN A 115 13.74 -1.23 3.79
N ASN A 116 14.16 -2.48 3.99
CA ASN A 116 15.18 -2.79 4.96
C ASN A 116 16.56 -2.55 4.38
N HIS A 117 17.35 -1.75 5.07
CA HIS A 117 18.71 -1.43 4.64
C HIS A 117 18.71 -0.61 3.34
N ILE A 118 17.83 0.38 3.25
CA ILE A 118 17.77 1.18 2.05
C ILE A 118 19.05 1.97 1.90
N ASP A 119 19.30 2.39 0.68
CA ASP A 119 20.49 3.10 0.19
C ASP A 119 20.95 4.45 0.76
N PRO A 120 21.09 4.64 2.10
CA PRO A 120 21.48 5.95 2.66
C PRO A 120 21.42 7.17 1.73
N ASN A 121 20.83 6.96 0.57
CA ASN A 121 20.69 7.96 -0.47
C ASN A 121 19.34 8.62 -0.36
N ARG A 122 18.27 7.84 -0.44
CA ARG A 122 16.94 8.43 -0.36
C ARG A 122 16.64 8.94 1.05
N CYS A 123 17.73 9.32 1.73
CA CYS A 123 17.67 9.88 3.07
C CYS A 123 18.47 11.17 3.03
N LYS A 124 18.15 11.97 2.01
CA LYS A 124 18.80 13.25 1.77
C LYS A 124 17.78 14.38 1.84
N ASN B 1 -23.22 20.27 6.78
CA ASN B 1 -24.10 19.54 5.83
C ASN B 1 -23.28 18.94 4.67
N LEU B 2 -23.93 18.11 3.85
CA LEU B 2 -23.30 17.44 2.71
C LEU B 2 -22.50 18.36 1.79
N TYR B 3 -22.98 19.57 1.54
CA TYR B 3 -22.24 20.50 0.69
C TYR B 3 -20.89 20.87 1.32
N GLN B 4 -20.87 21.07 2.64
CA GLN B 4 -19.65 21.45 3.34
C GLN B 4 -18.68 20.28 3.44
N PHE B 5 -19.21 19.08 3.62
CA PHE B 5 -18.37 17.92 3.71
C PHE B 5 -17.59 17.83 2.41
N ARG B 6 -18.32 18.02 1.30
CA ARG B 6 -17.73 17.98 -0.04
C ARG B 6 -16.57 18.97 -0.10
N LYS B 7 -16.81 20.18 0.43
CA LYS B 7 -15.80 21.23 0.45
C LYS B 7 -14.58 20.80 1.25
N MET B 8 -14.82 20.15 2.38
CA MET B 8 -13.70 19.71 3.19
C MET B 8 -12.82 18.75 2.39
N ILE B 9 -13.45 17.72 1.79
CA ILE B 9 -12.73 16.75 0.98
C ILE B 9 -11.99 17.51 -0.13
N LYS B 10 -12.65 18.52 -0.68
CA LYS B 10 -12.09 19.33 -1.75
C LYS B 10 -10.93 20.20 -1.24
N CYS B 11 -10.87 20.35 0.07
CA CYS B 11 -9.87 21.14 0.77
C CYS B 11 -8.62 20.28 1.05
N THR B 12 -8.88 19.05 1.48
CA THR B 12 -7.89 18.07 1.86
C THR B 12 -7.28 17.23 0.72
N ILE B 13 -8.07 16.99 -0.32
CA ILE B 13 -7.63 16.24 -1.50
C ILE B 13 -8.16 16.98 -2.73
N PRO B 14 -7.55 18.14 -3.07
CA PRO B 14 -7.93 18.99 -4.20
C PRO B 14 -7.89 18.28 -5.56
N GLY B 15 -6.90 17.42 -5.77
CA GLY B 15 -6.79 16.71 -7.03
C GLY B 15 -7.85 15.64 -7.28
N ARG B 16 -8.95 15.68 -6.54
CA ARG B 16 -10.02 14.70 -6.73
C ARG B 16 -11.39 15.35 -6.85
N GLU B 17 -12.35 14.58 -7.33
CA GLU B 17 -13.72 15.02 -7.43
C GLU B 17 -14.33 14.14 -6.35
N PRO B 18 -14.81 14.74 -5.24
CA PRO B 18 -15.40 13.99 -4.14
C PRO B 18 -16.48 12.99 -4.54
N LEU B 19 -17.45 13.46 -5.32
CA LEU B 19 -18.56 12.62 -5.75
C LEU B 19 -18.08 11.37 -6.48
N LEU B 20 -17.34 11.55 -7.56
CA LEU B 20 -16.85 10.42 -8.32
C LEU B 20 -15.79 9.58 -7.60
N ALA B 21 -15.05 10.18 -6.67
CA ALA B 21 -14.00 9.46 -5.96
C ALA B 21 -14.42 8.76 -4.68
N PHE B 22 -15.41 9.28 -3.98
CA PHE B 22 -15.78 8.70 -2.69
C PHE B 22 -17.21 8.24 -2.42
N THR B 23 -18.05 8.02 -3.42
CA THR B 23 -19.40 7.58 -3.11
C THR B 23 -19.77 6.23 -3.72
N ASP B 24 -18.79 5.57 -4.31
CA ASP B 24 -19.01 4.27 -4.91
C ASP B 24 -17.73 3.44 -4.73
N TYR B 25 -17.00 3.75 -3.68
CA TYR B 25 -15.74 3.09 -3.36
C TYR B 25 -15.89 2.11 -2.18
N GLY B 26 -15.25 0.95 -2.31
CA GLY B 26 -15.30 -0.06 -1.27
C GLY B 26 -16.70 -0.56 -0.99
N CYS B 27 -17.06 -0.62 0.29
CA CYS B 27 -18.40 -1.04 0.66
C CYS B 27 -19.09 -0.19 1.66
N TYR B 28 -18.46 0.92 2.01
CA TYR B 28 -19.03 1.84 2.95
C TYR B 28 -18.98 3.26 2.40
N CYS B 29 -18.06 3.51 1.48
CA CYS B 29 -17.94 4.86 0.91
C CYS B 29 -19.03 5.07 -0.11
N GLY B 30 -19.97 5.93 0.26
CA GLY B 30 -21.09 6.18 -0.60
C GLY B 30 -21.88 4.91 -0.50
N LYS B 31 -23.19 5.00 -0.62
CA LYS B 31 -24.08 3.86 -0.55
C LYS B 31 -23.83 2.74 0.46
N GLY B 32 -24.97 2.25 0.97
CA GLY B 32 -25.03 1.15 1.91
C GLY B 32 -24.11 1.04 3.11
N GLY B 33 -23.32 -0.03 3.09
CA GLY B 33 -22.39 -0.33 4.17
C GLY B 33 -22.61 -1.82 4.39
N SER B 34 -21.61 -2.53 4.91
CA SER B 34 -21.75 -3.97 5.19
C SER B 34 -20.56 -4.89 4.99
N GLY B 35 -20.08 -5.45 6.08
CA GLY B 35 -19.01 -6.43 6.02
C GLY B 35 -17.58 -6.13 5.66
N THR B 36 -16.80 -5.83 6.67
CA THR B 36 -15.37 -5.57 6.54
C THR B 36 -14.89 -4.77 5.33
N PRO B 37 -14.38 -3.56 5.60
CA PRO B 37 -13.86 -2.63 4.61
C PRO B 37 -12.75 -3.31 3.83
N VAL B 38 -12.68 -3.04 2.53
CA VAL B 38 -11.64 -3.64 1.68
C VAL B 38 -10.26 -3.00 1.93
N ASP B 39 -10.25 -1.81 2.53
CA ASP B 39 -9.00 -1.13 2.84
C ASP B 39 -9.20 0.09 3.72
N GLU B 40 -8.11 0.83 3.93
CA GLU B 40 -8.10 2.05 4.73
C GLU B 40 -9.21 3.04 4.37
N LEU B 41 -9.24 3.46 3.11
CA LEU B 41 -10.24 4.40 2.67
C LEU B 41 -11.62 3.89 3.08
N ASP B 42 -11.86 2.61 2.85
CA ASP B 42 -13.16 2.03 3.19
C ASP B 42 -13.55 2.19 4.66
N ARG B 43 -12.61 1.95 5.59
CA ARG B 43 -12.90 2.11 7.02
C ARG B 43 -13.06 3.58 7.38
N CYS B 44 -12.48 4.45 6.58
CA CYS B 44 -12.64 5.87 6.85
C CYS B 44 -14.14 6.16 6.76
N CYS B 45 -14.75 5.72 5.66
CA CYS B 45 -16.19 5.92 5.45
C CYS B 45 -17.04 4.99 6.31
N GLN B 46 -16.40 4.18 7.14
CA GLN B 46 -17.18 3.32 8.00
C GLN B 46 -17.24 4.10 9.30
N THR B 47 -16.12 4.70 9.63
CA THR B 47 -15.99 5.53 10.83
C THR B 47 -16.95 6.68 10.61
N HIS B 48 -17.01 7.13 9.36
CA HIS B 48 -17.92 8.19 8.97
C HIS B 48 -19.12 7.38 8.50
N ASP B 49 -20.03 7.15 9.42
CA ASP B 49 -21.22 6.35 9.16
C ASP B 49 -21.63 6.03 10.59
N ASN B 50 -20.63 5.68 11.39
CA ASN B 50 -20.83 5.41 12.80
C ASN B 50 -20.99 6.80 13.40
N CYS B 51 -20.07 7.69 13.04
CA CYS B 51 -20.06 9.05 13.53
C CYS B 51 -21.38 9.78 13.20
N TYR B 52 -21.96 9.47 12.05
CA TYR B 52 -23.22 10.10 11.68
C TYR B 52 -24.36 9.52 12.49
N ASP B 53 -24.19 8.30 13.00
CA ASP B 53 -25.22 7.70 13.82
C ASP B 53 -25.20 8.36 15.19
N LYS B 54 -24.01 8.40 15.79
CA LYS B 54 -23.84 9.01 17.10
C LYS B 54 -24.48 10.38 17.09
N ALA B 55 -24.12 11.19 16.09
CA ALA B 55 -24.65 12.54 15.97
C ALA B 55 -26.17 12.57 16.06
N GLU B 56 -26.82 11.59 15.44
CA GLU B 56 -28.28 11.54 15.45
C GLU B 56 -28.80 11.18 16.83
N LYS B 57 -27.97 10.48 17.60
CA LYS B 57 -28.36 10.07 18.94
C LYS B 57 -27.84 11.06 20.00
N LEU B 58 -27.09 12.07 19.57
CA LEU B 58 -26.58 13.04 20.53
C LEU B 58 -27.76 13.84 21.04
N PRO B 59 -27.99 13.82 22.37
CA PRO B 59 -29.10 14.56 22.95
C PRO B 59 -29.14 15.98 22.40
N GLU B 60 -27.96 16.58 22.30
CA GLU B 60 -27.80 17.95 21.83
C GLU B 60 -28.15 18.23 20.36
N CYS B 61 -28.57 17.19 19.65
CA CYS B 61 -28.96 17.36 18.26
C CYS B 61 -30.47 17.12 18.18
N LYS B 62 -31.24 18.20 18.33
CA LYS B 62 -32.70 18.07 18.30
C LYS B 62 -33.38 19.00 17.33
N GLY B 63 -34.47 18.53 16.75
CA GLY B 63 -35.22 19.35 15.82
C GLY B 63 -34.89 19.27 14.35
N ILE B 64 -35.73 19.91 13.55
CA ILE B 64 -35.56 19.95 12.11
C ILE B 64 -34.21 20.59 11.80
N LEU B 65 -33.54 20.07 10.79
CA LEU B 65 -32.23 20.56 10.35
C LEU B 65 -31.07 20.35 11.33
N SER B 66 -31.17 19.31 12.16
CA SER B 66 -30.11 19.00 13.11
C SER B 66 -29.36 17.77 12.61
N GLY B 67 -29.91 17.11 11.59
CA GLY B 67 -29.30 15.92 11.02
C GLY B 67 -27.97 16.22 10.32
N PRO B 68 -27.00 15.28 10.33
CA PRO B 68 -25.69 15.45 9.71
C PRO B 68 -25.70 15.92 8.26
N TYR B 69 -26.61 15.36 7.45
CA TYR B 69 -26.68 15.76 6.05
C TYR B 69 -27.10 17.20 5.83
N VAL B 70 -28.11 17.64 6.55
CA VAL B 70 -28.65 19.00 6.41
C VAL B 70 -28.20 20.04 7.43
N ASN B 71 -27.55 19.63 8.50
CA ASN B 71 -27.14 20.58 9.52
C ASN B 71 -25.92 21.42 9.11
N THR B 72 -26.10 22.73 9.04
CA THR B 72 -25.01 23.61 8.65
C THR B 72 -24.20 24.10 9.85
N TYR B 73 -22.96 23.63 9.93
CA TYR B 73 -22.06 24.02 11.01
C TYR B 73 -21.14 25.13 10.53
N SER B 74 -20.17 25.49 11.38
CA SER B 74 -19.22 26.55 11.05
C SER B 74 -17.79 25.99 10.96
N TYR B 75 -17.11 26.25 9.85
CA TYR B 75 -15.76 25.73 9.68
C TYR B 75 -14.89 26.63 8.80
N ASP B 76 -13.60 26.30 8.77
CA ASP B 76 -12.65 27.05 7.99
C ASP B 76 -11.63 26.12 7.35
N CYS B 77 -11.32 26.43 6.09
CA CYS B 77 -10.33 25.68 5.30
C CYS B 77 -9.19 26.62 4.88
N THR B 78 -8.11 26.60 5.65
CA THR B 78 -6.94 27.45 5.38
C THR B 78 -5.66 26.64 5.11
N ASP B 79 -4.99 26.97 4.01
CA ASP B 79 -3.76 26.29 3.63
C ASP B 79 -3.84 24.77 3.74
N GLY B 80 -4.99 24.20 3.38
CA GLY B 80 -5.15 22.75 3.45
C GLY B 80 -5.46 22.14 4.81
N LYS B 81 -5.76 22.98 5.80
CA LYS B 81 -6.08 22.48 7.14
C LYS B 81 -7.47 22.92 7.62
N LEU B 82 -8.22 21.93 8.12
CA LEU B 82 -9.58 22.12 8.59
C LEU B 82 -9.71 22.42 10.09
N THR B 83 -10.58 23.37 10.38
CA THR B 83 -10.89 23.81 11.73
C THR B 83 -12.39 24.03 11.95
N CYS B 84 -12.93 23.43 13.00
CA CYS B 84 -14.35 23.60 13.33
C CYS B 84 -14.51 24.75 14.31
N ASN B 85 -15.30 25.76 13.94
CA ASN B 85 -15.49 26.94 14.80
C ASN B 85 -16.63 26.86 15.82
N ASP B 86 -17.56 25.94 15.63
CA ASP B 86 -18.71 25.81 16.53
C ASP B 86 -18.28 25.53 17.97
N GLN B 87 -18.72 26.38 18.89
CA GLN B 87 -18.46 26.18 20.31
C GLN B 87 -19.85 25.95 20.92
N LYS B 88 -20.65 27.02 20.95
CA LYS B 88 -22.00 27.04 21.55
C LYS B 88 -22.80 25.80 21.19
N ASP B 89 -23.22 25.69 19.93
CA ASP B 89 -24.00 24.55 19.42
C ASP B 89 -23.11 23.33 19.32
N LYS B 90 -23.12 22.50 20.37
CA LYS B 90 -22.32 21.29 20.39
C LYS B 90 -22.83 20.22 19.44
N CYS B 91 -23.98 20.44 18.83
CA CYS B 91 -24.45 19.45 17.88
C CYS B 91 -23.74 19.67 16.55
N LYS B 92 -23.81 20.89 16.04
CA LYS B 92 -23.14 21.21 14.78
C LYS B 92 -21.67 20.84 14.90
N LEU B 93 -21.06 21.19 16.03
CA LEU B 93 -19.65 20.90 16.28
C LEU B 93 -19.36 19.42 16.08
N PHE B 94 -20.19 18.56 16.64
CA PHE B 94 -19.99 17.13 16.50
C PHE B 94 -20.08 16.69 15.04
N ILE B 95 -21.02 17.28 14.30
CA ILE B 95 -21.21 16.95 12.90
C ILE B 95 -19.97 17.40 12.11
N CYS B 96 -19.49 18.61 12.38
CA CYS B 96 -18.31 19.13 11.71
C CYS B 96 -17.10 18.24 11.99
N ASN B 97 -17.01 17.76 13.23
CA ASN B 97 -15.88 16.92 13.60
C ASN B 97 -15.86 15.58 12.90
N CYS B 98 -17.04 15.09 12.50
CA CYS B 98 -17.12 13.84 11.77
C CYS B 98 -16.56 14.07 10.37
N ASP B 99 -17.04 15.13 9.73
CA ASP B 99 -16.61 15.49 8.39
C ASP B 99 -15.12 15.78 8.33
N ARG B 100 -14.62 16.54 9.30
CA ARG B 100 -13.22 16.88 9.32
C ARG B 100 -12.37 15.63 9.46
N THR B 101 -12.68 14.80 10.45
CA THR B 101 -11.91 13.57 10.64
C THR B 101 -11.90 12.75 9.37
N ALA B 102 -13.07 12.64 8.73
CA ALA B 102 -13.23 11.87 7.49
C ALA B 102 -12.43 12.45 6.34
N ALA B 103 -12.57 13.75 6.10
CA ALA B 103 -11.84 14.40 5.01
C ALA B 103 -10.34 14.23 5.23
N MET B 104 -9.91 14.22 6.48
CA MET B 104 -8.48 14.04 6.76
C MET B 104 -8.07 12.58 6.59
N CYS B 105 -8.95 11.65 6.97
CA CYS B 105 -8.70 10.23 6.82
C CYS B 105 -8.59 9.93 5.32
N PHE B 106 -9.45 10.56 4.52
CA PHE B 106 -9.44 10.35 3.08
C PHE B 106 -8.09 10.73 2.47
N ALA B 107 -7.71 11.99 2.58
CA ALA B 107 -6.43 12.44 2.02
C ALA B 107 -5.25 11.55 2.41
N LYS B 108 -5.13 11.28 3.70
CA LYS B 108 -4.05 10.46 4.26
C LYS B 108 -4.14 8.98 3.90
N ALA B 109 -5.10 8.59 3.08
CA ALA B 109 -5.22 7.17 2.75
C ALA B 109 -5.03 6.74 1.29
N PRO B 110 -4.30 5.62 1.09
CA PRO B 110 -4.02 5.05 -0.22
C PRO B 110 -5.31 4.80 -0.99
N TYR B 111 -5.41 5.38 -2.17
CA TYR B 111 -6.60 5.21 -2.97
C TYR B 111 -6.36 4.19 -4.09
N ILE B 112 -7.16 3.12 -4.12
CA ILE B 112 -7.02 2.09 -5.14
C ILE B 112 -8.20 2.24 -6.12
N GLU B 113 -7.91 2.62 -7.36
CA GLU B 113 -8.96 2.83 -8.35
C GLU B 113 -9.85 1.63 -8.55
N ALA B 114 -9.26 0.45 -8.50
CA ALA B 114 -9.99 -0.79 -8.67
C ALA B 114 -11.02 -1.03 -7.54
N ASN B 115 -10.85 -0.42 -6.38
CA ASN B 115 -11.82 -0.61 -5.30
C ASN B 115 -13.14 0.15 -5.55
N ASN B 116 -13.27 0.78 -6.71
CA ASN B 116 -14.48 1.50 -7.07
C ASN B 116 -15.48 0.53 -7.68
N HIS B 117 -16.75 0.70 -7.31
CA HIS B 117 -17.83 -0.15 -7.80
C HIS B 117 -17.52 -1.64 -7.71
N ILE B 118 -17.14 -2.09 -6.51
CA ILE B 118 -16.81 -3.48 -6.34
C ILE B 118 -18.04 -4.41 -6.47
N ASP B 119 -17.74 -5.69 -6.59
CA ASP B 119 -18.70 -6.76 -6.90
C ASP B 119 -20.21 -6.58 -6.57
N PRO B 120 -20.70 -6.93 -5.30
CA PRO B 120 -21.24 -7.30 -3.98
C PRO B 120 -20.50 -8.55 -3.64
N ASN B 121 -20.65 -9.01 -2.40
CA ASN B 121 -19.98 -10.23 -2.00
C ASN B 121 -18.93 -9.86 -1.00
N ARG B 122 -17.87 -9.21 -1.50
CA ARG B 122 -16.73 -8.79 -0.68
C ARG B 122 -17.26 -8.19 0.57
N CYS B 123 -18.56 -7.96 0.55
CA CYS B 123 -19.23 -7.39 1.68
C CYS B 123 -20.43 -8.20 2.07
N LYS B 124 -20.08 -9.42 2.50
CA LYS B 124 -20.99 -10.41 2.99
C LYS B 124 -20.58 -10.60 4.45
N ASN C 1 0.94 4.76 -29.61
CA ASN C 1 1.58 6.08 -29.35
C ASN C 1 1.10 6.66 -28.00
N LEU C 2 1.76 7.71 -27.52
CA LEU C 2 1.38 8.33 -26.25
C LEU C 2 -0.06 8.79 -26.16
N TYR C 3 -0.63 9.24 -27.27
CA TYR C 3 -2.00 9.69 -27.26
C TYR C 3 -2.91 8.52 -26.89
N GLN C 4 -2.57 7.34 -27.40
CA GLN C 4 -3.36 6.13 -27.14
C GLN C 4 -3.14 5.60 -25.73
N PHE C 5 -1.93 5.77 -25.22
CA PHE C 5 -1.60 5.33 -23.88
C PHE C 5 -2.45 6.12 -22.92
N ARG C 6 -2.59 7.41 -23.18
CA ARG C 6 -3.40 8.30 -22.36
C ARG C 6 -4.84 7.81 -22.37
N LYS C 7 -5.31 7.43 -23.55
CA LYS C 7 -6.66 6.89 -23.71
C LYS C 7 -6.85 5.62 -22.90
N MET C 8 -5.86 4.73 -22.94
CA MET C 8 -5.95 3.48 -22.20
C MET C 8 -6.07 3.75 -20.71
N ILE C 9 -5.37 4.78 -20.25
CA ILE C 9 -5.44 5.13 -18.85
C ILE C 9 -6.83 5.69 -18.56
N LYS C 10 -7.44 6.33 -19.55
CA LYS C 10 -8.77 6.87 -19.38
C LYS C 10 -9.78 5.74 -19.45
N CYS C 11 -9.33 4.57 -19.85
CA CYS C 11 -10.22 3.43 -19.95
C CYS C 11 -10.30 2.71 -18.59
N THR C 12 -9.15 2.45 -17.99
CA THR C 12 -9.10 1.75 -16.71
C THR C 12 -9.31 2.69 -15.53
N ILE C 13 -9.23 3.99 -15.78
CA ILE C 13 -9.40 4.98 -14.74
C ILE C 13 -10.17 6.15 -15.35
N PRO C 14 -11.50 6.00 -15.45
CA PRO C 14 -12.45 6.97 -16.01
C PRO C 14 -12.61 8.25 -15.19
N GLY C 15 -12.90 9.35 -15.88
CA GLY C 15 -13.09 10.61 -15.22
C GLY C 15 -11.86 11.19 -14.53
N ARG C 16 -10.69 10.58 -14.75
CA ARG C 16 -9.46 11.09 -14.15
C ARG C 16 -8.52 11.46 -15.30
N GLU C 17 -7.93 12.64 -15.24
CA GLU C 17 -7.05 13.09 -16.30
C GLU C 17 -5.61 12.67 -16.13
N PRO C 18 -5.14 11.71 -16.94
CA PRO C 18 -3.77 11.22 -16.85
C PRO C 18 -2.69 12.31 -16.82
N LEU C 19 -2.91 13.39 -17.56
CA LEU C 19 -1.93 14.47 -17.62
C LEU C 19 -1.79 15.26 -16.33
N LEU C 20 -2.64 14.96 -15.34
CA LEU C 20 -2.56 15.67 -14.06
C LEU C 20 -2.23 14.70 -12.93
N ALA C 21 -2.81 13.51 -13.01
CA ALA C 21 -2.63 12.51 -11.99
C ALA C 21 -1.33 11.74 -12.07
N PHE C 22 -0.93 11.36 -13.27
CA PHE C 22 0.28 10.55 -13.42
C PHE C 22 1.52 11.19 -14.03
N THR C 23 1.52 12.50 -14.21
CA THR C 23 2.65 13.18 -14.83
C THR C 23 3.80 13.66 -13.94
N ASP C 24 3.66 13.52 -12.63
CA ASP C 24 4.72 13.97 -11.73
C ASP C 24 4.59 13.26 -10.39
N TYR C 25 4.48 11.93 -10.46
CA TYR C 25 4.31 11.07 -9.30
C TYR C 25 5.54 10.18 -9.07
N GLY C 26 5.87 9.91 -7.82
CA GLY C 26 7.03 9.08 -7.51
C GLY C 26 8.30 9.60 -8.15
N CYS C 27 9.16 8.68 -8.60
CA CYS C 27 10.41 9.06 -9.26
C CYS C 27 10.38 8.75 -10.75
N TYR C 28 9.39 7.96 -11.19
CA TYR C 28 9.27 7.59 -12.60
C TYR C 28 8.00 8.01 -13.33
N CYS C 29 6.91 8.17 -12.61
CA CYS C 29 5.67 8.59 -13.27
C CYS C 29 5.79 10.04 -13.67
N GLY C 30 6.10 10.29 -14.93
CA GLY C 30 6.26 11.64 -15.43
C GLY C 30 7.67 11.89 -15.96
N LYS C 31 8.05 13.16 -16.13
CA LYS C 31 9.38 13.45 -16.64
C LYS C 31 10.49 12.74 -15.86
N GLY C 32 11.60 12.51 -16.55
CA GLY C 32 12.75 11.86 -15.94
C GLY C 32 12.49 10.55 -15.21
N GLY C 33 13.57 9.96 -14.72
CA GLY C 33 13.49 8.72 -13.96
C GLY C 33 14.45 8.79 -12.77
N SER C 34 15.43 7.90 -12.74
CA SER C 34 16.44 7.88 -11.68
C SER C 34 15.97 7.57 -10.24
N GLY C 35 16.71 6.70 -9.55
CA GLY C 35 16.40 6.35 -8.17
C GLY C 35 15.61 5.06 -8.04
N THR C 36 15.04 4.81 -6.87
CA THR C 36 14.25 3.61 -6.69
C THR C 36 12.80 4.01 -6.44
N PRO C 37 11.86 3.38 -7.15
CA PRO C 37 10.42 3.64 -7.04
C PRO C 37 9.92 3.67 -5.60
N VAL C 38 9.24 4.76 -5.25
CA VAL C 38 8.72 4.95 -3.92
C VAL C 38 7.64 3.97 -3.56
N ASP C 39 6.91 3.48 -4.56
CA ASP C 39 5.85 2.51 -4.31
C ASP C 39 5.49 1.73 -5.57
N GLU C 40 4.41 0.96 -5.49
CA GLU C 40 3.94 0.15 -6.58
C GLU C 40 3.58 0.95 -7.83
N LEU C 41 2.77 1.98 -7.67
CA LEU C 41 2.35 2.81 -8.78
C LEU C 41 3.58 3.39 -9.48
N ASP C 42 4.63 3.62 -8.70
CA ASP C 42 5.85 4.16 -9.28
C ASP C 42 6.51 3.08 -10.14
N ARG C 43 6.50 1.85 -9.65
CA ARG C 43 7.08 0.72 -10.38
C ARG C 43 6.30 0.53 -11.67
N CYS C 44 4.96 0.61 -11.61
CA CYS C 44 4.15 0.46 -12.81
C CYS C 44 4.69 1.43 -13.87
N CYS C 45 5.21 2.57 -13.44
CA CYS C 45 5.77 3.54 -14.35
C CYS C 45 7.16 3.14 -14.78
N GLN C 46 7.95 2.66 -13.83
CA GLN C 46 9.31 2.23 -14.14
C GLN C 46 9.22 1.10 -15.16
N THR C 47 8.38 0.13 -14.87
CA THR C 47 8.20 -0.98 -15.79
C THR C 47 7.86 -0.44 -17.16
N HIS C 48 6.89 0.47 -17.22
CA HIS C 48 6.50 1.03 -18.50
C HIS C 48 7.68 1.68 -19.23
N ASP C 49 8.52 2.39 -18.49
CA ASP C 49 9.69 3.05 -19.07
C ASP C 49 10.57 2.04 -19.80
N ASN C 50 10.97 0.99 -19.08
CA ASN C 50 11.84 -0.02 -19.66
C ASN C 50 11.18 -0.87 -20.74
N CYS C 51 9.87 -1.08 -20.63
CA CYS C 51 9.13 -1.86 -21.63
C CYS C 51 9.23 -1.09 -22.94
N TYR C 52 9.44 0.22 -22.83
CA TYR C 52 9.57 1.10 -23.99
C TYR C 52 11.00 1.03 -24.53
N ASP C 53 11.96 0.81 -23.63
CA ASP C 53 13.35 0.68 -24.03
C ASP C 53 13.47 -0.62 -24.82
N LYS C 54 12.73 -1.65 -24.39
CA LYS C 54 12.74 -2.95 -25.06
C LYS C 54 12.20 -2.86 -26.49
N ALA C 55 11.05 -2.20 -26.64
CA ALA C 55 10.43 -2.05 -27.94
C ALA C 55 11.29 -1.26 -28.93
N GLU C 56 12.11 -0.36 -28.41
CA GLU C 56 12.99 0.44 -29.27
C GLU C 56 14.17 -0.40 -29.76
N LYS C 57 14.30 -1.61 -29.20
CA LYS C 57 15.35 -2.55 -29.55
C LYS C 57 14.78 -3.75 -30.30
N LEU C 58 13.48 -4.01 -30.10
CA LEU C 58 12.84 -5.14 -30.78
C LEU C 58 13.17 -5.16 -32.27
N PRO C 59 13.91 -6.20 -32.72
CA PRO C 59 14.29 -6.34 -34.12
C PRO C 59 13.09 -6.24 -35.05
N GLU C 60 11.90 -6.46 -34.49
CA GLU C 60 10.69 -6.39 -35.27
C GLU C 60 10.15 -4.97 -35.43
N CYS C 61 10.85 -3.98 -34.87
CA CYS C 61 10.43 -2.59 -34.97
C CYS C 61 11.26 -1.80 -36.01
N LYS C 62 10.57 -1.51 -37.11
CA LYS C 62 11.05 -0.84 -38.33
C LYS C 62 11.64 0.58 -38.41
N GLY C 63 10.94 1.41 -39.17
CA GLY C 63 11.38 2.77 -39.44
C GLY C 63 11.09 3.94 -38.51
N ILE C 64 10.89 5.10 -39.15
CA ILE C 64 10.66 6.37 -38.45
C ILE C 64 9.54 6.33 -37.41
N LEU C 65 8.40 5.77 -37.78
CA LEU C 65 7.27 5.69 -36.85
C LEU C 65 7.11 4.33 -36.18
N SER C 66 8.21 3.65 -35.88
CA SER C 66 8.10 2.35 -35.23
C SER C 66 8.24 2.49 -33.70
N GLY C 67 8.67 3.67 -33.26
CA GLY C 67 8.85 3.91 -31.84
C GLY C 67 7.55 3.91 -31.06
N PRO C 68 7.59 3.49 -29.78
CA PRO C 68 6.44 3.42 -28.88
C PRO C 68 5.71 4.75 -28.68
N TYR C 69 6.43 5.87 -28.82
CA TYR C 69 5.81 7.18 -28.66
C TYR C 69 4.94 7.58 -29.85
N VAL C 70 5.34 7.18 -31.06
CA VAL C 70 4.60 7.54 -32.28
C VAL C 70 3.97 6.38 -33.08
N ASN C 71 4.21 5.15 -32.65
CA ASN C 71 3.68 3.97 -33.37
C ASN C 71 2.21 3.67 -33.05
N THR C 72 1.32 4.07 -33.94
CA THR C 72 -0.09 3.82 -33.74
C THR C 72 -0.42 2.32 -33.82
N TYR C 73 -0.95 1.75 -32.75
CA TYR C 73 -1.33 0.33 -32.74
C TYR C 73 -2.84 0.16 -32.76
N SER C 74 -3.32 -1.07 -32.65
CA SER C 74 -4.76 -1.32 -32.71
C SER C 74 -5.27 -1.97 -31.44
N TYR C 75 -6.23 -1.33 -30.79
CA TYR C 75 -6.76 -1.84 -29.54
C TYR C 75 -8.22 -1.54 -29.34
N ASP C 76 -8.79 -2.12 -28.29
CA ASP C 76 -10.17 -1.87 -27.97
C ASP C 76 -10.40 -1.69 -26.47
N CYS C 77 -11.23 -0.70 -26.14
CA CYS C 77 -11.60 -0.41 -24.76
C CYS C 77 -13.12 -0.59 -24.69
N THR C 78 -13.55 -1.75 -24.19
CA THR C 78 -14.97 -2.07 -24.06
C THR C 78 -15.31 -2.39 -22.60
N ASP C 79 -16.09 -1.52 -21.99
CA ASP C 79 -16.49 -1.68 -20.60
C ASP C 79 -15.32 -1.64 -19.62
N GLY C 80 -14.30 -0.86 -19.94
CA GLY C 80 -13.15 -0.79 -19.06
C GLY C 80 -12.14 -1.91 -19.30
N LYS C 81 -12.33 -2.66 -20.37
CA LYS C 81 -11.42 -3.75 -20.69
C LYS C 81 -10.54 -3.44 -21.90
N LEU C 82 -9.23 -3.53 -21.71
CA LEU C 82 -8.31 -3.27 -22.80
C LEU C 82 -7.89 -4.56 -23.51
N THR C 83 -7.86 -4.51 -24.84
CA THR C 83 -7.44 -5.66 -25.63
C THR C 83 -6.65 -5.21 -26.84
N CYS C 84 -5.50 -5.84 -27.08
CA CYS C 84 -4.68 -5.51 -28.24
C CYS C 84 -5.10 -6.42 -29.38
N ASN C 85 -5.25 -5.88 -30.59
CA ASN C 85 -5.68 -6.67 -31.74
C ASN C 85 -4.60 -7.02 -32.77
N ASP C 86 -3.53 -6.24 -32.85
CA ASP C 86 -2.47 -6.52 -33.82
C ASP C 86 -2.01 -7.98 -33.74
N GLN C 87 -1.59 -8.52 -34.90
CA GLN C 87 -1.10 -9.91 -35.02
C GLN C 87 0.18 -10.00 -35.89
N LYS C 88 0.08 -9.56 -37.14
CA LYS C 88 1.22 -9.59 -38.04
C LYS C 88 2.29 -8.64 -37.59
N ASP C 89 1.88 -7.45 -37.16
CA ASP C 89 2.85 -6.47 -36.72
C ASP C 89 3.14 -6.66 -35.25
N LYS C 90 3.93 -7.68 -34.94
CA LYS C 90 4.30 -7.99 -33.56
C LYS C 90 4.88 -6.80 -32.79
N CYS C 91 5.51 -5.85 -33.51
CA CYS C 91 6.05 -4.66 -32.84
C CYS C 91 4.87 -3.86 -32.26
N LYS C 92 3.91 -3.49 -33.09
CA LYS C 92 2.75 -2.75 -32.59
C LYS C 92 2.15 -3.49 -31.41
N LEU C 93 2.02 -4.80 -31.55
CA LEU C 93 1.45 -5.65 -30.51
C LEU C 93 2.23 -5.54 -29.22
N PHE C 94 3.54 -5.33 -29.33
CA PHE C 94 4.38 -5.23 -28.15
C PHE C 94 4.16 -3.90 -27.46
N ILE C 95 4.17 -2.85 -28.26
CA ILE C 95 3.96 -1.50 -27.77
C ILE C 95 2.58 -1.36 -27.12
N CYS C 96 1.58 -2.01 -27.72
CA CYS C 96 0.20 -1.98 -27.20
C CYS C 96 0.08 -2.68 -25.85
N ASN C 97 0.94 -3.66 -25.62
CA ASN C 97 0.91 -4.39 -24.38
C ASN C 97 1.63 -3.65 -23.28
N CYS C 98 2.60 -2.81 -23.64
CA CYS C 98 3.28 -2.03 -22.63
C CYS C 98 2.21 -1.12 -22.03
N ASP C 99 1.48 -0.45 -22.92
CA ASP C 99 0.41 0.46 -22.54
C ASP C 99 -0.77 -0.20 -21.84
N ARG C 100 -1.12 -1.40 -22.27
CA ARG C 100 -2.23 -2.10 -21.65
C ARG C 100 -1.86 -2.54 -20.23
N THR C 101 -0.64 -3.02 -20.07
CA THR C 101 -0.16 -3.49 -18.77
C THR C 101 -0.08 -2.34 -17.78
N ALA C 102 0.52 -1.24 -18.20
CA ALA C 102 0.66 -0.08 -17.34
C ALA C 102 -0.68 0.52 -16.95
N ALA C 103 -1.55 0.70 -17.94
CA ALA C 103 -2.86 1.27 -17.70
C ALA C 103 -3.61 0.35 -16.75
N MET C 104 -3.36 -0.94 -16.86
CA MET C 104 -4.04 -1.86 -16.00
C MET C 104 -3.58 -1.81 -14.56
N CYS C 105 -2.28 -1.69 -14.30
CA CYS C 105 -1.95 -1.62 -12.88
C CYS C 105 -2.04 -0.25 -12.28
N PHE C 106 -2.04 0.79 -13.12
CA PHE C 106 -2.22 2.13 -12.60
C PHE C 106 -3.54 2.10 -11.81
N ALA C 107 -4.47 1.24 -12.23
CA ALA C 107 -5.78 1.12 -11.57
C ALA C 107 -5.78 0.22 -10.35
N LYS C 108 -4.93 -0.80 -10.39
CA LYS C 108 -4.84 -1.73 -9.26
C LYS C 108 -3.91 -1.19 -8.20
N ALA C 109 -2.98 -0.32 -8.58
CA ALA C 109 -2.04 0.22 -7.63
C ALA C 109 -2.59 1.30 -6.72
N PRO C 110 -2.09 1.34 -5.48
CA PRO C 110 -2.55 2.37 -4.55
C PRO C 110 -1.93 3.71 -4.88
N TYR C 111 -2.74 4.77 -4.88
CA TYR C 111 -2.27 6.11 -5.18
C TYR C 111 -2.10 6.83 -3.84
N ILE C 112 -0.85 7.01 -3.44
CA ILE C 112 -0.52 7.66 -2.17
C ILE C 112 -0.19 9.12 -2.40
N GLU C 113 -1.07 10.02 -1.97
CA GLU C 113 -0.82 11.45 -2.17
C GLU C 113 0.53 11.91 -1.64
N ALA C 114 1.06 11.16 -0.67
CA ALA C 114 2.35 11.48 -0.08
C ALA C 114 3.48 11.18 -1.07
N ASN C 115 3.21 10.31 -2.06
CA ASN C 115 4.24 9.98 -3.05
C ASN C 115 4.00 10.69 -4.38
N ASN C 116 3.29 11.81 -4.33
CA ASN C 116 2.99 12.62 -5.51
C ASN C 116 3.73 13.94 -5.37
N HIS C 117 4.34 14.42 -6.46
CA HIS C 117 5.08 15.66 -6.42
C HIS C 117 6.15 15.57 -5.33
N ILE C 118 6.87 14.46 -5.32
CA ILE C 118 7.91 14.21 -4.34
C ILE C 118 9.02 15.24 -4.47
N ASP C 119 10.10 15.03 -3.71
CA ASP C 119 11.28 15.88 -3.66
C ASP C 119 12.42 15.16 -4.40
N PRO C 120 13.10 15.85 -5.32
CA PRO C 120 14.21 15.34 -6.13
C PRO C 120 15.13 14.38 -5.38
N ASN C 121 15.70 14.87 -4.28
CA ASN C 121 16.61 14.12 -3.42
C ASN C 121 16.08 12.75 -3.13
N ARG C 122 14.77 12.68 -2.93
CA ARG C 122 14.09 11.44 -2.65
C ARG C 122 14.24 10.45 -3.83
N CYS C 123 15.03 10.82 -4.85
CA CYS C 123 15.24 9.95 -6.02
C CYS C 123 16.70 9.75 -6.46
N LYS C 124 17.57 9.34 -5.54
CA LYS C 124 18.98 9.10 -5.87
C LYS C 124 19.43 7.70 -5.55
N ASN D 1 11.00 -26.76 -7.46
CA ASN D 1 9.95 -27.40 -6.63
C ASN D 1 9.58 -26.48 -5.46
N LEU D 2 8.53 -26.83 -4.71
CA LEU D 2 8.11 -25.99 -3.59
C LEU D 2 9.14 -25.80 -2.51
N TYR D 3 10.03 -26.78 -2.37
CA TYR D 3 11.08 -26.68 -1.38
C TYR D 3 12.04 -25.58 -1.82
N GLN D 4 12.29 -25.50 -3.12
CA GLN D 4 13.19 -24.50 -3.70
C GLN D 4 12.56 -23.11 -3.69
N PHE D 5 11.25 -23.06 -3.83
CA PHE D 5 10.51 -21.82 -3.81
C PHE D 5 10.63 -21.21 -2.42
N ARG D 6 10.51 -22.05 -1.40
CA ARG D 6 10.63 -21.61 -0.02
C ARG D 6 12.00 -20.97 0.16
N LYS D 7 13.02 -21.66 -0.35
CA LYS D 7 14.38 -21.18 -0.28
C LYS D 7 14.55 -19.82 -0.95
N MET D 8 13.88 -19.60 -2.08
CA MET D 8 13.99 -18.32 -2.78
C MET D 8 13.38 -17.20 -1.95
N ILE D 9 12.31 -17.52 -1.21
CA ILE D 9 11.64 -16.56 -0.37
C ILE D 9 12.56 -16.23 0.80
N LYS D 10 13.33 -17.23 1.21
CA LYS D 10 14.29 -17.09 2.29
C LYS D 10 15.48 -16.24 1.82
N CYS D 11 15.63 -16.11 0.51
CA CYS D 11 16.75 -15.35 -0.04
C CYS D 11 16.38 -13.87 -0.13
N THR D 12 15.16 -13.58 -0.56
CA THR D 12 14.72 -12.19 -0.69
C THR D 12 14.10 -11.69 0.62
N ILE D 13 13.83 -12.60 1.55
CA ILE D 13 13.27 -12.24 2.86
C ILE D 13 13.94 -13.14 3.91
N PRO D 14 15.22 -12.87 4.20
CA PRO D 14 16.17 -13.51 5.13
C PRO D 14 15.71 -13.99 6.51
N GLY D 15 15.16 -13.09 7.30
CA GLY D 15 14.75 -13.51 8.63
C GLY D 15 13.38 -14.15 8.82
N ARG D 16 12.48 -14.01 7.84
CA ARG D 16 11.14 -14.53 7.95
C ARG D 16 10.99 -16.00 7.51
N GLU D 17 10.02 -16.70 8.09
CA GLU D 17 9.78 -18.10 7.73
C GLU D 17 8.54 -18.24 6.86
N PRO D 18 8.73 -18.44 5.55
CA PRO D 18 7.63 -18.59 4.60
C PRO D 18 6.43 -19.43 5.06
N LEU D 19 6.68 -20.59 5.62
CA LEU D 19 5.60 -21.47 6.08
C LEU D 19 4.73 -20.82 7.16
N LEU D 20 5.16 -19.66 7.66
CA LEU D 20 4.41 -18.95 8.70
C LEU D 20 3.81 -17.69 8.14
N ALA D 21 4.66 -16.89 7.50
CA ALA D 21 4.27 -15.60 6.94
C ALA D 21 3.38 -15.57 5.71
N PHE D 22 3.68 -16.40 4.71
CA PHE D 22 2.92 -16.39 3.46
C PHE D 22 2.03 -17.59 3.28
N THR D 23 1.81 -18.31 4.36
CA THR D 23 1.03 -19.53 4.34
C THR D 23 -0.49 -19.38 4.52
N ASP D 24 -0.95 -18.18 4.88
CA ASP D 24 -2.40 -17.92 5.08
C ASP D 24 -2.68 -16.41 4.99
N TYR D 25 -2.35 -15.82 3.84
CA TYR D 25 -2.52 -14.39 3.62
C TYR D 25 -3.45 -14.07 2.46
N GLY D 26 -4.23 -13.00 2.61
CA GLY D 26 -5.17 -12.61 1.56
C GLY D 26 -6.10 -13.75 1.17
N CYS D 27 -6.42 -13.83 -0.13
CA CYS D 27 -7.30 -14.89 -0.63
C CYS D 27 -6.54 -16.00 -1.36
N TYR D 28 -5.48 -15.62 -2.07
CA TYR D 28 -4.67 -16.57 -2.82
C TYR D 28 -3.39 -16.94 -2.11
N CYS D 29 -2.99 -16.17 -1.12
CA CYS D 29 -1.72 -16.52 -0.55
C CYS D 29 -1.63 -17.71 0.36
N GLY D 30 -1.85 -18.85 -0.28
CA GLY D 30 -1.79 -20.13 0.35
C GLY D 30 -3.10 -20.83 0.05
N LYS D 31 -3.46 -21.75 0.93
CA LYS D 31 -4.71 -22.52 0.83
C LYS D 31 -5.65 -22.03 -0.29
N GLY D 32 -5.87 -22.88 -1.30
CA GLY D 32 -6.77 -22.52 -2.39
C GLY D 32 -6.65 -21.11 -2.92
N GLY D 33 -7.71 -20.63 -3.57
CA GLY D 33 -7.68 -19.28 -4.12
C GLY D 33 -9.01 -18.92 -4.78
N SER D 34 -9.70 -17.91 -4.24
CA SER D 34 -10.98 -17.53 -4.80
C SER D 34 -11.31 -16.12 -4.38
N GLY D 35 -11.93 -15.36 -5.28
CA GLY D 35 -12.29 -13.99 -4.98
C GLY D 35 -11.29 -13.05 -5.61
N THR D 36 -11.19 -11.84 -5.08
CA THR D 36 -10.24 -10.88 -5.61
C THR D 36 -9.13 -10.66 -4.59
N PRO D 37 -7.87 -10.61 -5.05
CA PRO D 37 -6.72 -10.41 -4.17
C PRO D 37 -6.95 -9.16 -3.34
N VAL D 38 -6.77 -9.28 -2.02
CA VAL D 38 -6.96 -8.16 -1.12
C VAL D 38 -5.92 -7.08 -1.33
N ASP D 39 -4.76 -7.43 -1.91
CA ASP D 39 -3.71 -6.44 -2.16
C ASP D 39 -2.62 -6.95 -3.10
N GLU D 40 -1.56 -6.17 -3.27
CA GLU D 40 -0.45 -6.52 -4.14
C GLU D 40 0.17 -7.86 -3.75
N LEU D 41 0.52 -8.01 -2.47
CA LEU D 41 1.14 -9.23 -1.99
C LEU D 41 0.26 -10.42 -2.34
N ASP D 42 -1.04 -10.23 -2.33
CA ASP D 42 -1.94 -11.31 -2.67
C ASP D 42 -1.82 -11.58 -4.17
N ARG D 43 -1.63 -10.53 -4.96
CA ARG D 43 -1.52 -10.64 -6.42
C ARG D 43 -0.26 -11.43 -6.78
N CYS D 44 0.79 -11.28 -5.98
CA CYS D 44 2.01 -12.03 -6.24
C CYS D 44 1.69 -13.53 -6.10
N CYS D 45 0.94 -13.87 -5.08
CA CYS D 45 0.63 -15.27 -4.95
C CYS D 45 -0.33 -15.68 -6.06
N GLN D 46 -1.28 -14.83 -6.43
CA GLN D 46 -2.21 -15.18 -7.52
C GLN D 46 -1.41 -15.40 -8.82
N THR D 47 -0.51 -14.48 -9.13
CA THR D 47 0.32 -14.59 -10.33
C THR D 47 1.11 -15.88 -10.20
N HIS D 48 1.60 -16.16 -9.00
CA HIS D 48 2.36 -17.38 -8.81
C HIS D 48 1.51 -18.61 -9.14
N ASP D 49 0.23 -18.55 -8.75
CA ASP D 49 -0.69 -19.63 -9.02
C ASP D 49 -0.82 -19.89 -10.51
N ASN D 50 -1.31 -18.91 -11.26
CA ASN D 50 -1.48 -19.18 -12.66
C ASN D 50 -0.17 -19.31 -13.48
N CYS D 51 0.96 -18.94 -12.89
CA CYS D 51 2.26 -19.10 -13.56
C CYS D 51 2.59 -20.60 -13.46
N TYR D 52 2.01 -21.27 -12.47
CA TYR D 52 2.24 -22.69 -12.28
C TYR D 52 1.37 -23.48 -13.26
N ASP D 53 0.18 -22.97 -13.52
CA ASP D 53 -0.72 -23.60 -14.46
C ASP D 53 -0.13 -23.54 -15.87
N LYS D 54 0.39 -22.38 -16.24
CA LYS D 54 1.01 -22.22 -17.54
C LYS D 54 2.12 -23.25 -17.66
N ALA D 55 2.89 -23.43 -16.60
CA ALA D 55 3.99 -24.38 -16.59
C ALA D 55 3.47 -25.80 -16.76
N GLU D 56 2.33 -26.10 -16.14
CA GLU D 56 1.76 -27.43 -16.25
C GLU D 56 1.16 -27.71 -17.63
N LYS D 57 1.08 -26.66 -18.44
CA LYS D 57 0.56 -26.74 -19.80
C LYS D 57 1.64 -26.44 -20.84
N LEU D 58 2.83 -26.07 -20.38
CA LEU D 58 3.88 -25.80 -21.34
C LEU D 58 4.27 -27.07 -22.08
N PRO D 59 3.97 -27.13 -23.38
CA PRO D 59 4.28 -28.29 -24.23
C PRO D 59 5.70 -28.78 -24.00
N GLU D 60 6.52 -27.93 -23.38
CA GLU D 60 7.90 -28.26 -23.10
C GLU D 60 8.17 -28.99 -21.79
N CYS D 61 7.15 -29.28 -20.99
CA CYS D 61 7.39 -29.97 -19.73
C CYS D 61 7.09 -31.48 -19.86
N LYS D 62 8.17 -32.26 -19.75
CA LYS D 62 8.21 -33.72 -19.89
C LYS D 62 7.24 -34.63 -19.12
N GLY D 63 7.73 -35.41 -18.16
CA GLY D 63 6.83 -36.29 -17.43
C GLY D 63 7.07 -36.42 -15.93
N ILE D 64 6.04 -36.93 -15.23
CA ILE D 64 6.00 -37.14 -13.77
C ILE D 64 6.67 -36.09 -12.88
N LEU D 65 7.97 -35.86 -13.05
CA LEU D 65 8.64 -34.84 -12.26
C LEU D 65 8.89 -33.58 -13.08
N SER D 66 7.92 -33.22 -13.91
CA SER D 66 8.05 -32.03 -14.73
C SER D 66 7.17 -30.91 -14.16
N GLY D 67 6.42 -31.24 -13.12
CA GLY D 67 5.55 -30.27 -12.47
C GLY D 67 6.26 -29.21 -11.64
N PRO D 68 5.66 -28.03 -11.47
CA PRO D 68 6.24 -26.94 -10.70
C PRO D 68 6.53 -27.29 -9.23
N TYR D 69 5.73 -28.21 -8.67
CA TYR D 69 5.88 -28.64 -7.28
C TYR D 69 7.03 -29.63 -7.05
N VAL D 70 7.28 -30.50 -8.03
CA VAL D 70 8.32 -31.53 -7.91
C VAL D 70 9.52 -31.41 -8.84
N ASN D 71 9.46 -30.49 -9.81
CA ASN D 71 10.56 -30.33 -10.77
C ASN D 71 11.72 -29.45 -10.29
N THR D 72 12.82 -30.09 -9.95
CA THR D 72 13.99 -29.34 -9.48
C THR D 72 14.69 -28.61 -10.61
N TYR D 73 14.96 -27.33 -10.40
CA TYR D 73 15.66 -26.53 -11.39
C TYR D 73 17.01 -26.11 -10.83
N SER D 74 17.75 -25.33 -11.59
CA SER D 74 19.07 -24.88 -11.21
C SER D 74 19.01 -23.38 -10.96
N TYR D 75 19.35 -22.93 -9.75
CA TYR D 75 19.30 -21.51 -9.44
C TYR D 75 20.36 -21.07 -8.47
N ASP D 76 20.55 -19.76 -8.37
CA ASP D 76 21.54 -19.21 -7.46
C ASP D 76 20.98 -18.05 -6.65
N CYS D 77 21.37 -18.01 -5.37
CA CYS D 77 20.99 -16.95 -4.44
C CYS D 77 22.27 -16.34 -3.88
N THR D 78 22.70 -15.25 -4.49
CA THR D 78 23.92 -14.60 -4.04
C THR D 78 23.64 -13.18 -3.57
N ASP D 79 23.89 -12.95 -2.29
CA ASP D 79 23.69 -11.63 -1.71
C ASP D 79 22.27 -11.15 -1.92
N GLY D 80 21.30 -12.00 -1.61
CA GLY D 80 19.91 -11.63 -1.78
C GLY D 80 19.48 -11.43 -3.21
N LYS D 81 20.22 -12.01 -4.15
CA LYS D 81 19.87 -11.92 -5.56
C LYS D 81 19.60 -13.31 -6.10
N LEU D 82 18.50 -13.46 -6.83
CA LEU D 82 18.14 -14.75 -7.40
C LEU D 82 18.42 -14.77 -8.90
N THR D 83 19.05 -15.83 -9.37
CA THR D 83 19.33 -15.96 -10.80
C THR D 83 19.02 -17.38 -11.25
N CYS D 84 18.22 -17.50 -12.30
CA CYS D 84 17.88 -18.80 -12.84
C CYS D 84 18.98 -19.20 -13.79
N ASN D 85 19.44 -20.44 -13.67
CA ASN D 85 20.52 -20.94 -14.53
C ASN D 85 20.13 -21.88 -15.64
N ASP D 86 19.03 -22.60 -15.48
CA ASP D 86 18.65 -23.51 -16.54
C ASP D 86 18.76 -22.80 -17.90
N GLN D 87 19.21 -23.56 -18.90
CA GLN D 87 19.49 -23.07 -20.26
C GLN D 87 18.68 -23.79 -21.35
N LYS D 88 19.01 -25.07 -21.55
CA LYS D 88 18.34 -25.90 -22.54
C LYS D 88 17.03 -26.52 -22.04
N ASP D 89 16.85 -26.60 -20.73
CA ASP D 89 15.62 -27.19 -20.25
C ASP D 89 14.59 -26.09 -20.03
N LYS D 90 14.09 -25.55 -21.13
CA LYS D 90 13.11 -24.46 -21.12
C LYS D 90 12.01 -24.57 -20.08
N CYS D 91 11.63 -25.79 -19.71
CA CYS D 91 10.60 -26.00 -18.71
C CYS D 91 11.13 -25.66 -17.28
N LYS D 92 12.31 -26.16 -16.93
CA LYS D 92 12.88 -25.86 -15.63
C LYS D 92 13.09 -24.35 -15.49
N LEU D 93 13.52 -23.72 -16.59
CA LEU D 93 13.77 -22.29 -16.59
C LEU D 93 12.49 -21.52 -16.30
N PHE D 94 11.39 -22.00 -16.87
CA PHE D 94 10.10 -21.36 -16.69
C PHE D 94 9.63 -21.44 -15.25
N ILE D 95 9.80 -22.62 -14.65
CA ILE D 95 9.39 -22.85 -13.28
C ILE D 95 10.27 -22.08 -12.32
N CYS D 96 11.55 -21.92 -12.70
CA CYS D 96 12.49 -21.20 -11.85
C CYS D 96 12.11 -19.72 -11.82
N ASN D 97 11.56 -19.23 -12.92
CA ASN D 97 11.17 -17.84 -13.03
C ASN D 97 9.87 -17.53 -12.31
N CYS D 98 8.97 -18.51 -12.25
CA CYS D 98 7.72 -18.28 -11.55
C CYS D 98 8.11 -17.97 -10.11
N ASP D 99 9.03 -18.78 -9.57
CA ASP D 99 9.50 -18.65 -8.20
C ASP D 99 10.37 -17.43 -7.98
N ARG D 100 11.22 -17.11 -8.94
CA ARG D 100 12.07 -15.93 -8.81
C ARG D 100 11.21 -14.66 -8.75
N THR D 101 10.23 -14.56 -9.66
CA THR D 101 9.34 -13.42 -9.71
C THR D 101 8.53 -13.28 -8.43
N ALA D 102 7.99 -14.40 -7.97
CA ALA D 102 7.17 -14.41 -6.78
C ALA D 102 7.97 -14.02 -5.55
N ALA D 103 9.18 -14.56 -5.45
CA ALA D 103 10.03 -14.27 -4.29
C ALA D 103 10.43 -12.81 -4.27
N MET D 104 10.60 -12.21 -5.43
CA MET D 104 10.98 -10.80 -5.50
C MET D 104 9.76 -9.92 -5.26
N CYS D 105 8.63 -10.30 -5.84
CA CYS D 105 7.38 -9.58 -5.68
C CYS D 105 7.00 -9.51 -4.19
N PHE D 106 7.16 -10.64 -3.49
CA PHE D 106 6.85 -10.75 -2.07
C PHE D 106 7.69 -9.75 -1.26
N ALA D 107 8.95 -9.59 -1.66
CA ALA D 107 9.87 -8.69 -0.97
C ALA D 107 9.51 -7.23 -1.14
N LYS D 108 9.09 -6.88 -2.35
CA LYS D 108 8.73 -5.51 -2.67
C LYS D 108 7.27 -5.16 -2.35
N ALA D 109 6.45 -6.15 -2.01
CA ALA D 109 5.06 -5.83 -1.73
C ALA D 109 4.75 -5.45 -0.29
N PRO D 110 3.72 -4.63 -0.09
CA PRO D 110 3.37 -4.24 1.27
C PRO D 110 2.72 -5.41 1.97
N TYR D 111 3.27 -5.76 3.13
CA TYR D 111 2.72 -6.82 3.93
C TYR D 111 1.83 -6.09 4.92
N ILE D 112 0.52 -6.27 4.79
CA ILE D 112 -0.46 -5.60 5.65
C ILE D 112 -1.12 -6.61 6.56
N GLU D 113 -0.75 -6.61 7.84
CA GLU D 113 -1.32 -7.61 8.73
C GLU D 113 -2.83 -7.64 8.88
N ALA D 114 -3.49 -6.63 8.35
CA ALA D 114 -4.95 -6.58 8.40
C ALA D 114 -5.46 -7.54 7.33
N ASN D 115 -4.60 -7.81 6.33
CA ASN D 115 -4.92 -8.69 5.21
C ASN D 115 -4.35 -10.10 5.38
N ASN D 116 -4.03 -10.46 6.63
CA ASN D 116 -3.47 -11.76 6.93
C ASN D 116 -4.50 -12.52 7.76
N HIS D 117 -4.69 -13.80 7.44
CA HIS D 117 -5.67 -14.61 8.13
C HIS D 117 -7.04 -13.95 8.00
N ILE D 118 -7.35 -13.54 6.77
CA ILE D 118 -8.60 -12.90 6.41
C ILE D 118 -9.76 -13.81 6.77
N ASP D 119 -10.98 -13.37 6.48
CA ASP D 119 -12.20 -14.15 6.71
C ASP D 119 -12.66 -14.57 5.32
N PRO D 120 -12.95 -15.87 5.13
CA PRO D 120 -13.39 -16.46 3.86
C PRO D 120 -14.31 -15.56 3.03
N ASN D 121 -15.35 -15.04 3.67
CA ASN D 121 -16.32 -14.17 3.04
C ASN D 121 -15.68 -13.07 2.22
N ARG D 122 -14.54 -12.57 2.69
CA ARG D 122 -13.83 -11.51 1.98
C ARG D 122 -13.28 -12.06 0.66
N CYS D 123 -13.42 -13.37 0.45
CA CYS D 123 -12.92 -14.03 -0.76
C CYS D 123 -13.96 -14.70 -1.66
N LYS D 124 -15.18 -14.19 -1.67
CA LYS D 124 -16.23 -14.81 -2.48
C LYS D 124 -16.27 -14.32 -3.94
#